data_4YZ6
#
_entry.id   4YZ6
#
_cell.length_a   86.209
_cell.length_b   86.209
_cell.length_c   59.360
_cell.angle_alpha   90.00
_cell.angle_beta   90.00
_cell.angle_gamma   120.00
#
_symmetry.space_group_name_H-M   'P 32 2 1'
#
loop_
_entity.id
_entity.type
_entity.pdbx_description
1 polymer 'Transcription factor MYC3'
2 polymer 'Protein TIFY 10A'
3 water water
#
loop_
_entity_poly.entity_id
_entity_poly.type
_entity_poly.pdbx_seq_one_letter_code
_entity_poly.pdbx_strand_id
1 'polypeptide(L)'
;QPQFNEDTLQQRLQALIESAGENWTYAIFWQISHDFDSSTGDNTVILGWGDGYYKGEEDKEKKKNNTNTAEQEHRKRVIR
ELNSLISGGIGVSDESNDEEVTDTEWFFLVSMTQSFVNGVGLPGESFLNSRVIWLSGSGALTGSGCERAGQGQIYGLKTM
VCIATQNGVVELGSSEVISQSSDLMHKVNNLFNFN
;
A
2 'polypeptide(L)' ELPIARRASLHRFLEKRKDRVT B
#
# COMPACT_ATOMS: atom_id res chain seq x y z
N GLN A 1 11.62 12.18 -15.12
CA GLN A 1 11.82 12.63 -16.52
C GLN A 1 11.66 11.46 -17.49
N PRO A 2 12.09 10.22 -17.11
CA PRO A 2 11.77 9.15 -18.05
C PRO A 2 10.52 8.38 -17.60
N GLN A 3 9.52 8.34 -18.47
CA GLN A 3 8.30 7.58 -18.20
C GLN A 3 8.64 6.17 -17.71
N PHE A 4 8.33 5.88 -16.45
CA PHE A 4 8.61 4.59 -15.87
C PHE A 4 7.61 3.53 -16.27
N ASN A 5 8.06 2.28 -16.28
CA ASN A 5 7.24 1.13 -16.61
C ASN A 5 7.20 0.16 -15.44
N GLU A 6 6.38 -0.86 -15.55
CA GLU A 6 6.22 -1.84 -14.47
C GLU A 6 7.52 -2.54 -14.05
N ASP A 7 8.45 -2.69 -14.98
CA ASP A 7 9.66 -3.46 -14.69
C ASP A 7 10.56 -2.79 -13.64
N THR A 8 10.40 -1.48 -13.44
CA THR A 8 11.17 -0.80 -12.41
C THR A 8 10.34 -0.46 -11.17
N LEU A 9 9.08 -0.90 -11.13
CA LEU A 9 8.19 -0.49 -10.05
C LEU A 9 8.69 -0.89 -8.68
N GLN A 10 9.11 -2.15 -8.54
CA GLN A 10 9.64 -2.61 -7.27
C GLN A 10 10.86 -1.81 -6.83
N GLN A 11 11.74 -1.52 -7.78
CA GLN A 11 12.93 -0.71 -7.52
C GLN A 11 12.58 0.71 -7.08
N ARG A 12 11.52 1.26 -7.66
CA ARG A 12 11.15 2.63 -7.32
C ARG A 12 10.48 2.69 -5.96
N LEU A 13 9.69 1.68 -5.63
CA LEU A 13 9.12 1.57 -4.28
C LEU A 13 10.22 1.43 -3.23
N GLN A 14 11.19 0.56 -3.50
CA GLN A 14 12.33 0.41 -2.60
C GLN A 14 13.12 1.71 -2.46
N ALA A 15 13.36 2.37 -3.59
CA ALA A 15 14.10 3.63 -3.58
C ALA A 15 13.37 4.66 -2.70
N LEU A 16 12.05 4.72 -2.84
CA LEU A 16 11.27 5.68 -2.07
C LEU A 16 11.45 5.48 -0.55
N ILE A 17 11.32 4.23 -0.12
CA ILE A 17 11.34 3.89 1.30
C ILE A 17 12.76 3.90 1.90
N GLU A 18 13.72 3.38 1.15
CA GLU A 18 15.09 3.30 1.66
C GLU A 18 15.80 4.66 1.65
N SER A 19 15.46 5.52 0.70
CA SER A 19 16.10 6.84 0.64
C SER A 19 15.43 7.90 1.50
N ALA A 20 14.17 7.69 1.88
CA ALA A 20 13.42 8.70 2.65
C ALA A 20 14.06 8.96 4.01
N GLY A 21 14.11 10.23 4.39
CA GLY A 21 14.71 10.60 5.69
C GLY A 21 13.83 10.24 6.88
N GLU A 22 12.52 10.16 6.65
CA GLU A 22 11.57 9.87 7.70
C GLU A 22 11.43 8.37 7.85
N ASN A 23 10.87 7.90 8.95
CA ASN A 23 10.72 6.47 9.12
C ASN A 23 9.39 5.93 8.58
N TRP A 24 9.32 5.69 7.28
CA TRP A 24 8.14 5.08 6.70
C TRP A 24 8.22 3.57 6.85
N THR A 25 7.11 2.96 7.21
CA THR A 25 7.04 1.52 7.40
C THR A 25 6.92 0.75 6.09
N TYR A 26 6.16 1.29 5.14
CA TYR A 26 5.95 0.58 3.88
C TYR A 26 5.48 1.58 2.83
N ALA A 27 5.59 1.16 1.56
CA ALA A 27 4.94 1.82 0.44
C ALA A 27 4.15 0.81 -0.38
N ILE A 28 3.00 1.20 -0.88
CA ILE A 28 2.22 0.38 -1.78
C ILE A 28 1.94 1.15 -3.06
N PHE A 29 1.97 0.47 -4.21
CA PHE A 29 1.42 1.06 -5.41
C PHE A 29 0.12 0.36 -5.80
N TRP A 30 -0.96 1.12 -5.79
CA TRP A 30 -2.25 0.64 -6.27
C TRP A 30 -2.37 0.91 -7.77
N GLN A 31 -2.44 -0.15 -8.57
CA GLN A 31 -2.52 0.00 -10.03
C GLN A 31 -3.97 0.04 -10.52
N ILE A 32 -4.17 0.67 -11.67
CA ILE A 32 -5.49 0.78 -12.32
C ILE A 32 -5.84 -0.51 -13.04
N SER A 33 -7.07 -0.97 -12.88
CA SER A 33 -7.66 -1.89 -13.82
C SER A 33 -9.09 -1.42 -14.07
N HIS A 34 -9.78 -2.11 -14.97
CA HIS A 34 -11.14 -1.72 -15.32
C HIS A 34 -12.06 -2.91 -15.17
N ASP A 35 -13.24 -2.65 -14.63
CA ASP A 35 -14.26 -3.68 -14.50
C ASP A 35 -15.45 -3.24 -15.35
N PHE A 36 -15.70 -3.95 -16.45
CA PHE A 36 -16.85 -3.63 -17.28
C PHE A 36 -18.10 -4.20 -16.63
N ASP A 37 -19.13 -3.38 -16.50
CA ASP A 37 -20.39 -3.86 -15.93
C ASP A 37 -21.47 -4.05 -17.02
N SER A 38 -21.87 -5.30 -17.25
CA SER A 38 -22.84 -5.66 -18.29
C SER A 38 -24.18 -4.96 -18.12
N SER A 39 -24.60 -4.79 -16.88
CA SER A 39 -25.92 -4.24 -16.58
C SER A 39 -26.07 -2.74 -16.83
N THR A 40 -24.99 -1.99 -16.68
CA THR A 40 -25.04 -0.54 -16.90
C THR A 40 -24.26 -0.15 -18.15
N GLY A 41 -23.34 -1.02 -18.57
CA GLY A 41 -22.43 -0.73 -19.67
C GLY A 41 -21.25 0.15 -19.27
N ASP A 42 -21.11 0.44 -17.99
CA ASP A 42 -20.01 1.28 -17.50
C ASP A 42 -18.68 0.54 -17.41
N ASN A 43 -17.59 1.21 -17.79
CA ASN A 43 -16.26 0.67 -17.59
C ASN A 43 -15.56 1.38 -16.42
N THR A 44 -15.73 0.85 -15.20
CA THR A 44 -15.28 1.59 -14.02
C THR A 44 -13.82 1.32 -13.71
N VAL A 45 -13.10 2.37 -13.33
CA VAL A 45 -11.74 2.21 -12.84
C VAL A 45 -11.76 1.54 -11.47
N ILE A 46 -10.92 0.52 -11.32
CA ILE A 46 -10.75 -0.15 -10.05
C ILE A 46 -9.27 -0.14 -9.73
N LEU A 47 -8.94 0.28 -8.51
CA LEU A 47 -7.56 0.22 -8.04
C LEU A 47 -7.34 -1.07 -7.30
N GLY A 48 -6.29 -1.78 -7.66
CA GLY A 48 -5.93 -3.03 -6.97
C GLY A 48 -4.44 -3.06 -6.74
N TRP A 49 -3.99 -4.10 -6.03
CA TRP A 49 -2.58 -4.25 -5.68
C TRP A 49 -1.68 -4.25 -6.91
N GLY A 50 -0.73 -3.31 -6.95
CA GLY A 50 0.27 -3.27 -8.02
C GLY A 50 1.53 -3.93 -7.51
N ASP A 51 2.09 -3.34 -6.46
CA ASP A 51 3.27 -3.88 -5.80
C ASP A 51 3.43 -3.14 -4.48
N GLY A 52 4.36 -3.57 -3.65
CA GLY A 52 4.60 -2.94 -2.40
C GLY A 52 5.98 -3.22 -1.88
N TYR A 53 6.41 -2.43 -0.92
CA TYR A 53 7.70 -2.63 -0.30
C TYR A 53 7.55 -2.41 1.19
N TYR A 54 7.74 -3.46 1.96
CA TYR A 54 7.62 -3.39 3.40
C TYR A 54 8.99 -3.29 4.03
N LYS A 55 9.24 -2.20 4.76
CA LYS A 55 10.48 -2.06 5.50
C LYS A 55 10.27 -2.52 6.95
N GLY A 56 9.23 -1.98 7.58
CA GLY A 56 8.89 -2.32 8.96
C GLY A 56 9.73 -1.53 9.93
N GLU A 57 9.88 -2.02 11.14
CA GLU A 57 10.94 -1.47 11.97
C GLU A 57 11.82 -2.59 12.47
N THR A 67 0.05 -8.97 20.36
CA THR A 67 -1.06 -9.81 19.85
C THR A 67 -1.17 -11.09 20.64
N ASN A 68 -2.40 -11.53 20.86
CA ASN A 68 -2.66 -12.76 21.63
C ASN A 68 -2.08 -14.00 20.95
N THR A 69 -2.09 -15.11 21.67
CA THR A 69 -1.59 -16.38 21.14
C THR A 69 -2.43 -16.87 19.96
N ALA A 70 -3.74 -16.91 20.15
CA ALA A 70 -4.65 -17.38 19.11
C ALA A 70 -4.45 -16.58 17.82
N GLU A 71 -4.23 -15.27 17.96
CA GLU A 71 -4.02 -14.41 16.79
C GLU A 71 -2.68 -14.72 16.11
N GLN A 72 -1.66 -14.94 16.93
CA GLN A 72 -0.32 -15.23 16.40
C GLN A 72 -0.30 -16.57 15.69
N GLU A 73 -0.93 -17.58 16.30
CA GLU A 73 -1.02 -18.88 15.67
C GLU A 73 -1.74 -18.81 14.36
N HIS A 74 -2.84 -18.05 14.32
CA HIS A 74 -3.56 -17.87 13.07
C HIS A 74 -2.68 -17.18 12.01
N ARG A 75 -2.02 -16.10 12.39
CA ARG A 75 -1.16 -15.36 11.43
C ARG A 75 -0.01 -16.24 10.92
N LYS A 76 0.69 -16.88 11.84
CA LYS A 76 1.79 -17.81 11.48
C LYS A 76 1.30 -18.94 10.59
N ARG A 77 0.10 -19.43 10.88
CA ARG A 77 -0.51 -20.47 10.06
C ARG A 77 -0.71 -19.99 8.65
N VAL A 78 -1.22 -18.77 8.50
CA VAL A 78 -1.47 -18.21 7.18
C VAL A 78 -0.19 -17.99 6.37
N ILE A 79 0.87 -17.55 7.06
CA ILE A 79 2.17 -17.36 6.43
C ILE A 79 2.69 -18.70 5.91
N ARG A 80 2.63 -19.72 6.77
CA ARG A 80 2.96 -21.08 6.38
C ARG A 80 2.22 -21.51 5.15
N GLU A 81 0.90 -21.42 5.16
CA GLU A 81 0.14 -21.76 3.98
C GLU A 81 0.53 -20.98 2.75
N LEU A 82 0.83 -19.69 2.92
CA LEU A 82 1.23 -18.86 1.80
C LEU A 82 2.62 -19.27 1.28
N ASN A 83 3.51 -19.65 2.19
CA ASN A 83 4.84 -20.13 1.83
C ASN A 83 4.75 -21.37 0.95
N SER A 84 3.72 -22.18 1.21
CA SER A 84 3.53 -23.48 0.59
C SER A 84 3.16 -23.31 -0.86
N LEU A 85 2.18 -22.44 -1.11
CA LEU A 85 1.58 -22.21 -2.41
C LEU A 85 2.56 -21.53 -3.33
N ILE A 86 3.13 -20.46 -2.79
CA ILE A 86 4.10 -19.68 -3.48
C ILE A 86 5.20 -20.61 -4.01
N SER A 87 5.68 -21.49 -3.15
CA SER A 87 6.72 -22.44 -3.50
C SER A 87 6.52 -23.75 -2.74
N GLU A 99 9.93 -14.94 14.24
CA GLU A 99 8.79 -15.82 14.29
C GLU A 99 7.46 -15.02 14.36
N GLU A 100 7.41 -14.02 15.25
CA GLU A 100 6.24 -13.17 15.44
C GLU A 100 5.77 -12.44 14.17
N VAL A 101 4.47 -12.41 13.92
CA VAL A 101 3.91 -11.63 12.81
C VAL A 101 3.33 -10.35 13.38
N THR A 102 4.00 -9.22 13.12
CA THR A 102 3.63 -7.96 13.74
C THR A 102 2.36 -7.38 13.09
N ASP A 103 1.75 -6.43 13.76
CA ASP A 103 0.53 -5.80 13.25
C ASP A 103 0.75 -5.12 11.90
N THR A 104 1.87 -4.42 11.73
CA THR A 104 2.10 -3.73 10.45
C THR A 104 2.40 -4.71 9.33
N GLU A 105 3.16 -5.77 9.62
CA GLU A 105 3.37 -6.84 8.65
C GLU A 105 2.03 -7.38 8.17
N TRP A 106 1.15 -7.64 9.14
CA TRP A 106 -0.14 -8.24 8.85
C TRP A 106 -0.99 -7.28 8.01
N PHE A 107 -0.97 -6.00 8.38
CA PHE A 107 -1.68 -4.99 7.60
C PHE A 107 -1.21 -4.97 6.15
N PHE A 108 0.12 -4.97 5.98
CA PHE A 108 0.71 -4.98 4.64
C PHE A 108 0.25 -6.22 3.86
N LEU A 109 0.31 -7.38 4.51
CA LEU A 109 -0.10 -8.64 3.88
C LEU A 109 -1.57 -8.61 3.43
N VAL A 110 -2.45 -8.23 4.36
CA VAL A 110 -3.89 -8.18 4.12
C VAL A 110 -4.26 -7.17 3.03
N SER A 111 -3.49 -6.09 2.96
CA SER A 111 -3.66 -5.07 1.92
C SER A 111 -3.62 -5.66 0.52
N MET A 112 -2.88 -6.74 0.34
CA MET A 112 -2.71 -7.34 -1.00
C MET A 112 -4.00 -7.82 -1.64
N THR A 113 -5.01 -8.06 -0.83
CA THR A 113 -6.28 -8.52 -1.39
C THR A 113 -7.31 -7.45 -1.48
N GLN A 114 -6.94 -6.21 -1.20
CA GLN A 114 -7.92 -5.14 -1.24
C GLN A 114 -8.03 -4.53 -2.62
N SER A 115 -9.19 -3.96 -2.93
CA SER A 115 -9.37 -3.22 -4.16
C SER A 115 -10.35 -2.10 -3.90
N PHE A 116 -10.31 -1.09 -4.76
CA PHE A 116 -11.07 0.12 -4.49
C PHE A 116 -11.69 0.63 -5.76
N VAL A 117 -13.00 0.82 -5.72
CA VAL A 117 -13.69 1.46 -6.83
C VAL A 117 -13.26 2.93 -6.87
N ASN A 118 -13.11 3.45 -8.09
CA ASN A 118 -12.71 4.84 -8.26
C ASN A 118 -13.61 5.77 -7.44
N GLY A 119 -12.96 6.63 -6.66
CA GLY A 119 -13.71 7.59 -5.83
C GLY A 119 -14.04 7.09 -4.45
N VAL A 120 -13.79 5.81 -4.18
CA VAL A 120 -14.20 5.19 -2.92
C VAL A 120 -12.99 4.71 -2.11
N GLY A 121 -12.99 5.00 -0.81
CA GLY A 121 -11.87 4.59 0.07
C GLY A 121 -10.68 5.53 -0.12
N LEU A 122 -9.63 5.34 0.69
CA LEU A 122 -8.49 6.26 0.62
C LEU A 122 -7.83 6.30 -0.79
N PRO A 123 -7.49 5.13 -1.38
CA PRO A 123 -6.90 5.18 -2.72
C PRO A 123 -7.88 5.65 -3.80
N GLY A 124 -9.13 5.23 -3.70
CA GLY A 124 -10.15 5.67 -4.66
C GLY A 124 -10.42 7.16 -4.65
N GLU A 125 -10.54 7.77 -3.47
CA GLU A 125 -10.71 9.23 -3.39
C GLU A 125 -9.50 9.94 -3.94
N SER A 126 -8.31 9.43 -3.62
CA SER A 126 -7.08 10.05 -4.15
C SER A 126 -7.10 10.04 -5.68
N PHE A 127 -7.41 8.90 -6.26
CA PHE A 127 -7.33 8.78 -7.70
C PHE A 127 -8.39 9.59 -8.43
N LEU A 128 -9.61 9.55 -7.92
CA LEU A 128 -10.72 10.22 -8.61
C LEU A 128 -10.40 11.69 -8.77
N ASN A 129 -9.89 12.28 -7.70
CA ASN A 129 -9.65 13.72 -7.66
C ASN A 129 -8.19 14.12 -7.89
N SER A 130 -7.34 13.15 -8.28
CA SER A 130 -5.91 13.39 -8.47
C SER A 130 -5.30 14.11 -7.27
N ARG A 131 -5.59 13.60 -6.08
CA ARG A 131 -5.30 14.27 -4.83
C ARG A 131 -4.13 13.71 -4.10
N VAL A 132 -3.49 14.58 -3.31
CA VAL A 132 -2.62 14.13 -2.23
C VAL A 132 -3.48 14.16 -0.99
N ILE A 133 -3.63 13.00 -0.34
CA ILE A 133 -4.35 12.93 0.93
C ILE A 133 -3.33 12.53 2.00
N TRP A 134 -3.08 13.43 2.94
CA TRP A 134 -2.01 13.24 3.92
C TRP A 134 -2.65 13.22 5.29
N LEU A 135 -2.72 12.04 5.89
CA LEU A 135 -3.39 11.88 7.19
C LEU A 135 -2.34 11.59 8.25
N SER A 136 -2.09 12.58 9.12
CA SER A 136 -0.99 12.49 10.07
C SER A 136 -1.54 12.57 11.50
N GLY A 137 -1.43 11.48 12.25
CA GLY A 137 -1.91 11.44 13.62
C GLY A 137 -3.06 10.46 13.71
N SER A 138 -3.17 9.78 14.84
CA SER A 138 -4.22 8.79 15.04
C SER A 138 -5.60 9.40 14.83
N GLY A 139 -5.79 10.62 15.33
CA GLY A 139 -7.07 11.31 15.21
C GLY A 139 -7.43 11.65 13.77
N ALA A 140 -6.43 11.95 12.96
CA ALA A 140 -6.66 12.20 11.52
C ALA A 140 -7.11 10.91 10.83
N LEU A 141 -6.57 9.77 11.25
CA LEU A 141 -6.98 8.50 10.67
C LEU A 141 -8.38 8.12 11.14
N THR A 142 -8.64 8.20 12.44
CA THR A 142 -9.92 7.72 12.92
C THR A 142 -11.05 8.70 12.65
N GLY A 143 -10.70 9.96 12.35
CA GLY A 143 -11.71 10.97 12.07
C GLY A 143 -11.97 11.16 10.58
N SER A 144 -11.27 10.40 9.75
CA SER A 144 -11.33 10.58 8.31
C SER A 144 -12.62 10.02 7.72
N GLY A 145 -13.30 9.15 8.45
CA GLY A 145 -14.46 8.43 7.92
C GLY A 145 -14.08 7.50 6.78
N CYS A 146 -12.80 7.16 6.72
CA CYS A 146 -12.29 6.33 5.64
C CYS A 146 -11.86 4.97 6.18
N GLU A 147 -12.46 3.91 5.63
CA GLU A 147 -12.30 2.56 6.16
C GLU A 147 -10.83 2.09 6.21
N ARG A 148 -10.07 2.41 5.16
CA ARG A 148 -8.69 1.95 5.11
C ARG A 148 -7.82 2.68 6.14
N ALA A 149 -8.10 3.97 6.36
CA ALA A 149 -7.41 4.73 7.41
C ALA A 149 -7.71 4.17 8.79
N GLY A 150 -8.97 3.82 9.01
CA GLY A 150 -9.39 3.21 10.26
C GLY A 150 -8.67 1.89 10.49
N GLN A 151 -8.55 1.10 9.43
CA GLN A 151 -7.89 -0.21 9.53
C GLN A 151 -6.40 -0.03 9.84
N GLY A 152 -5.75 0.89 9.13
CA GLY A 152 -4.33 1.22 9.41
C GLY A 152 -4.09 1.61 10.88
N GLN A 153 -4.95 2.48 11.38
CA GLN A 153 -4.86 2.95 12.75
C GLN A 153 -5.00 1.81 13.76
N ILE A 154 -5.94 0.90 13.52
CA ILE A 154 -6.09 -0.31 14.37
C ILE A 154 -4.82 -1.16 14.37
N TYR A 155 -4.13 -1.23 13.24
CA TYR A 155 -2.89 -2.00 13.16
C TYR A 155 -1.64 -1.19 13.53
N GLY A 156 -1.85 -0.04 14.16
CA GLY A 156 -0.76 0.74 14.74
C GLY A 156 -0.16 1.85 13.90
N LEU A 157 -0.73 2.12 12.72
CA LEU A 157 -0.25 3.24 11.90
C LEU A 157 -0.71 4.57 12.48
N LYS A 158 0.10 5.60 12.31
CA LYS A 158 -0.26 6.92 12.78
C LYS A 158 -0.21 7.94 11.65
N THR A 159 0.42 7.57 10.53
CA THR A 159 0.39 8.40 9.31
C THR A 159 0.04 7.54 8.10
N MET A 160 -0.90 7.99 7.28
CA MET A 160 -1.15 7.32 6.01
C MET A 160 -1.31 8.36 4.91
N VAL A 161 -0.76 8.04 3.75
CA VAL A 161 -0.68 9.03 2.66
C VAL A 161 -1.07 8.32 1.38
N CYS A 162 -1.92 8.96 0.58
CA CYS A 162 -2.16 8.50 -0.79
C CYS A 162 -1.92 9.65 -1.77
N ILE A 163 -1.12 9.37 -2.78
CA ILE A 163 -0.75 10.35 -3.80
C ILE A 163 -1.11 9.78 -5.16
N ALA A 164 -1.97 10.48 -5.89
CA ALA A 164 -2.39 10.00 -7.19
C ALA A 164 -1.30 10.18 -8.22
N THR A 165 -1.07 9.16 -9.03
CA THR A 165 -0.12 9.27 -10.14
C THR A 165 -0.87 9.02 -11.44
N GLN A 166 -0.18 9.19 -12.56
CA GLN A 166 -0.70 8.86 -13.87
C GLN A 166 -1.23 7.42 -13.96
N ASN A 167 -0.61 6.51 -13.21
CA ASN A 167 -0.92 5.09 -13.36
C ASN A 167 -1.64 4.45 -12.18
N GLY A 168 -2.03 5.26 -11.20
CA GLY A 168 -2.57 4.66 -9.99
C GLY A 168 -2.33 5.55 -8.79
N VAL A 169 -2.08 4.93 -7.64
CA VAL A 169 -1.92 5.69 -6.41
C VAL A 169 -0.79 5.10 -5.60
N VAL A 170 0.14 5.96 -5.16
CA VAL A 170 1.19 5.54 -4.22
C VAL A 170 0.67 5.79 -2.81
N GLU A 171 0.75 4.76 -1.97
CA GLU A 171 0.40 4.87 -0.57
C GLU A 171 1.65 4.70 0.31
N LEU A 172 1.76 5.55 1.33
CA LEU A 172 2.79 5.40 2.35
C LEU A 172 2.15 5.29 3.71
N GLY A 173 2.71 4.45 4.57
CA GLY A 173 2.25 4.38 5.96
C GLY A 173 3.41 4.35 6.94
N SER A 174 3.15 4.81 8.15
CA SER A 174 4.14 4.78 9.21
C SER A 174 3.47 4.62 10.56
N SER A 175 4.17 4.00 11.50
CA SER A 175 3.71 3.96 12.88
C SER A 175 4.08 5.23 13.63
N GLU A 176 4.80 6.12 12.97
CA GLU A 176 5.09 7.45 13.53
C GLU A 176 4.20 8.51 12.92
N VAL A 177 4.06 9.62 13.63
CA VAL A 177 3.35 10.78 13.12
C VAL A 177 4.34 11.56 12.26
N ILE A 178 4.07 11.67 10.96
CA ILE A 178 5.04 12.30 10.06
C ILE A 178 4.36 13.44 9.32
N SER A 179 4.92 14.64 9.43
CA SER A 179 4.39 15.80 8.68
C SER A 179 4.82 15.75 7.23
N GLN A 180 4.03 16.32 6.34
CA GLN A 180 4.40 16.34 4.92
C GLN A 180 5.66 17.16 4.66
N SER A 181 6.70 16.54 4.10
CA SER A 181 7.90 17.29 3.77
C SER A 181 8.06 17.50 2.28
N SER A 182 8.68 18.61 1.92
CA SER A 182 9.08 18.87 0.54
C SER A 182 9.97 17.78 -0.01
N ASP A 183 10.90 17.28 0.83
CA ASP A 183 11.86 16.29 0.34
C ASP A 183 11.17 14.97 -0.03
N LEU A 184 10.17 14.58 0.76
CA LEU A 184 9.41 13.37 0.48
C LEU A 184 8.64 13.53 -0.84
N MET A 185 7.96 14.66 -1.00
CA MET A 185 7.21 14.91 -2.22
C MET A 185 8.10 15.01 -3.44
N HIS A 186 9.29 15.58 -3.27
CA HIS A 186 10.27 15.60 -4.35
C HIS A 186 10.68 14.19 -4.77
N LYS A 187 10.94 13.31 -3.81
CA LYS A 187 11.28 11.92 -4.12
C LYS A 187 10.15 11.21 -4.87
N VAL A 188 8.91 11.36 -4.39
CA VAL A 188 7.75 10.75 -5.04
C VAL A 188 7.63 11.25 -6.47
N ASN A 189 7.85 12.55 -6.65
CA ASN A 189 7.74 13.14 -7.97
C ASN A 189 8.75 12.56 -8.96
N ASN A 190 9.93 12.22 -8.45
CA ASN A 190 10.98 11.65 -9.25
C ASN A 190 10.89 10.13 -9.45
N LEU A 191 9.93 9.48 -8.80
CA LEU A 191 9.89 8.02 -8.84
C LEU A 191 8.62 7.44 -9.43
N PHE A 192 7.70 8.31 -9.87
CA PHE A 192 6.45 7.83 -10.49
C PHE A 192 6.07 8.73 -11.65
N ASN A 193 5.04 8.36 -12.40
CA ASN A 193 4.65 9.13 -13.58
C ASN A 193 3.55 10.14 -13.27
N PHE A 194 3.72 11.37 -13.73
CA PHE A 194 2.73 12.43 -13.52
C PHE A 194 2.40 13.14 -14.84
N ASN A 195 1.15 13.56 -15.01
CA ASN A 195 0.71 14.23 -16.24
C ASN A 195 1.21 15.67 -16.34
N LEU B 2 -3.78 -17.05 -7.61
CA LEU B 2 -3.27 -15.72 -7.18
C LEU B 2 -2.87 -14.89 -8.39
N PRO B 3 -3.30 -13.63 -8.45
CA PRO B 3 -2.83 -12.70 -9.48
C PRO B 3 -1.31 -12.59 -9.44
N ILE B 4 -0.69 -12.45 -10.61
CA ILE B 4 0.78 -12.38 -10.73
C ILE B 4 1.37 -11.25 -9.87
N ALA B 5 0.72 -10.08 -9.93
CA ALA B 5 1.17 -8.92 -9.16
C ALA B 5 1.25 -9.26 -7.68
N ARG B 6 0.21 -9.88 -7.15
CA ARG B 6 0.21 -10.26 -5.75
C ARG B 6 1.21 -11.38 -5.44
N ARG B 7 1.27 -12.39 -6.30
CA ARG B 7 2.18 -13.51 -6.07
C ARG B 7 3.64 -13.07 -6.07
N ALA B 8 3.97 -12.20 -7.03
CA ALA B 8 5.29 -11.62 -7.10
C ALA B 8 5.64 -10.89 -5.80
N SER B 9 4.69 -10.09 -5.29
CA SER B 9 4.93 -9.35 -4.04
C SER B 9 5.03 -10.29 -2.86
N LEU B 10 4.12 -11.27 -2.82
CA LEU B 10 4.13 -12.30 -1.78
C LEU B 10 5.48 -12.97 -1.67
N HIS B 11 6.00 -13.39 -2.83
CA HIS B 11 7.30 -14.02 -2.92
C HIS B 11 8.37 -13.17 -2.26
N ARG B 12 8.48 -11.92 -2.68
CA ARG B 12 9.47 -10.98 -2.13
C ARG B 12 9.27 -10.74 -0.64
N PHE B 13 8.00 -10.60 -0.24
CA PHE B 13 7.68 -10.36 1.17
C PHE B 13 8.08 -11.55 2.06
N LEU B 14 7.68 -12.74 1.64
CA LEU B 14 7.95 -13.96 2.42
C LEU B 14 9.44 -14.25 2.50
N GLU B 15 10.15 -14.00 1.41
CA GLU B 15 11.58 -14.23 1.37
C GLU B 15 12.34 -13.25 2.26
N LYS B 16 11.94 -11.99 2.23
CA LYS B 16 12.58 -10.98 3.09
C LYS B 16 12.27 -11.26 4.55
N ARG B 17 11.17 -11.98 4.79
CA ARG B 17 10.75 -12.34 6.14
C ARG B 17 11.80 -13.19 6.84
N LYS B 18 12.38 -14.13 6.11
CA LYS B 18 13.35 -15.07 6.70
C LYS B 18 14.63 -14.44 7.23
N ASP B 19 14.78 -13.13 7.05
CA ASP B 19 15.95 -12.40 7.55
C ASP B 19 15.55 -11.42 8.65
#